data_4EPM
#
_entry.id   4EPM
#
_cell.length_a   59.765
_cell.length_b   65.769
_cell.length_c   154.972
_cell.angle_alpha   90.00
_cell.angle_beta   90.00
_cell.angle_gamma   90.00
#
_symmetry.space_group_name_H-M   'P 2 21 21'
#
loop_
_entity.id
_entity.type
_entity.pdbx_description
1 polymer '4-substituted benzoates-glutamate ligase GH3.12'
2 non-polymer 'ADENOSINE MONOPHOSPHATE'
3 non-polymer 'SULFATE ION'
4 water water
#
_entity_poly.entity_id   1
_entity_poly.type   'polypeptide(L)'
_entity_poly.pdbx_seq_one_letter_code
;GSHMASMKPIFDINETFEKQLKDLTSNVKSIQDNLLEEIITPNTKTEYLQRFLIDRFDKELFKKNVPIVSYEDIKPYLDR
VVNGESSDVISARTITGFLLSSGTSGGAQKMMPWNNKYLDNLTFIYDLRMQVITKHVKGVEEGKGMMFLFTKQESMTPSG
LPARVATSSYFKSDYFKNRPSNWYYSYTSPDEVILCPNNTESLYCHLLCGLVQRDEVVRTGSIFASVMVRAIEVLKNSWE
ELCSNIRSGHLSNWVTDLGCQNSVSLVLGGPRPELADTIEEICNQNSWKGIVKRLWPNTKYIETVVTGSMGQYVPMLNYY
CNDLPLVSTTYGSSETTFGINLDPLCKPEDVSYTFMPNMSYFEFIPMDGGDKNDVVDLEDVKLGCTYEPVVTNFAGLYRM
RVGDIVLVTGFYNNAPQFKFVRRENVVLSIDSDKTNEEDLFKAVSQAKLVLESSGLDLKDFTSYADTSTFPGHYVVYLEV
DTKEGEEKETAQFELDEEALSTCCLVMEESLDNVYKRCRFKDGSIGPLEIRVVRQGTFDSLMDFFISQGASTGQYKTPRC
IKSGKALQVLETCVVAKFFSI
;
_entity_poly.pdbx_strand_id   A
#
# COMPACT_ATOMS: atom_id res chain seq x y z
N GLU A 15 -20.01 -13.72 -21.42
CA GLU A 15 -20.72 -14.97 -21.20
C GLU A 15 -20.16 -15.73 -20.01
N THR A 16 -19.01 -16.36 -20.20
CA THR A 16 -18.33 -17.09 -19.14
C THR A 16 -18.12 -16.20 -17.92
N PHE A 17 -17.89 -14.92 -18.15
CA PHE A 17 -17.54 -13.98 -17.07
C PHE A 17 -18.73 -13.59 -16.20
N GLU A 18 -19.82 -13.19 -16.83
CA GLU A 18 -21.03 -12.86 -16.11
C GLU A 18 -21.44 -14.05 -15.24
N LYS A 19 -21.29 -15.24 -15.79
CA LYS A 19 -21.63 -16.48 -15.09
C LYS A 19 -20.63 -16.76 -13.97
N GLN A 20 -19.35 -16.56 -14.26
CA GLN A 20 -18.30 -16.79 -13.27
C GLN A 20 -18.54 -15.89 -12.05
N LEU A 21 -18.93 -14.66 -12.31
CA LEU A 21 -19.09 -13.70 -11.21
C LEU A 21 -20.38 -13.99 -10.45
N LYS A 22 -21.42 -14.38 -11.18
CA LYS A 22 -22.65 -14.84 -10.55
C LYS A 22 -22.39 -16.02 -9.60
N ASP A 23 -21.71 -17.06 -10.10
CA ASP A 23 -21.36 -18.22 -9.27
C ASP A 23 -20.51 -17.87 -8.04
N LEU A 24 -19.44 -17.11 -8.25
CA LEU A 24 -18.61 -16.65 -7.14
C LEU A 24 -19.38 -15.88 -6.05
N THR A 25 -20.34 -15.08 -6.45
CA THR A 25 -20.98 -14.16 -5.50
C THR A 25 -22.33 -14.68 -4.94
N SER A 26 -22.86 -15.75 -5.52
CA SER A 26 -24.12 -16.31 -5.04
C SER A 26 -23.89 -17.52 -4.13
N ASN A 27 -22.79 -18.16 -4.33
CA ASN A 27 -22.53 -19.39 -3.69
C ASN A 27 -21.56 -19.28 -2.51
N VAL A 28 -21.66 -18.17 -1.81
CA VAL A 28 -20.63 -17.72 -0.89
C VAL A 28 -20.40 -18.66 0.30
N LYS A 29 -21.46 -19.01 1.02
CA LYS A 29 -21.32 -19.93 2.15
C LYS A 29 -20.68 -21.25 1.74
N SER A 30 -21.15 -21.83 0.65
CA SER A 30 -20.67 -23.17 0.28
C SER A 30 -19.26 -23.16 -0.33
N ILE A 31 -18.95 -22.13 -1.12
CA ILE A 31 -17.58 -21.93 -1.59
C ILE A 31 -16.63 -21.79 -0.40
N GLN A 32 -16.98 -20.92 0.54
CA GLN A 32 -16.20 -20.72 1.76
C GLN A 32 -15.98 -22.02 2.56
N ASP A 33 -17.07 -22.77 2.76
CA ASP A 33 -17.04 -24.00 3.54
C ASP A 33 -16.26 -25.12 2.85
N ASN A 34 -16.37 -25.18 1.53
CA ASN A 34 -15.58 -26.13 0.76
C ASN A 34 -14.10 -25.73 0.82
N LEU A 35 -13.83 -24.43 0.74
CA LEU A 35 -12.46 -23.94 0.78
C LEU A 35 -11.82 -24.30 2.12
N LEU A 36 -12.56 -24.11 3.20
CA LEU A 36 -12.04 -24.42 4.53
C LEU A 36 -11.60 -25.87 4.56
N GLU A 37 -12.46 -26.75 4.03
CA GLU A 37 -12.22 -28.19 4.02
C GLU A 37 -11.01 -28.51 3.15
N GLU A 38 -10.93 -27.88 1.99
CA GLU A 38 -9.76 -28.04 1.14
C GLU A 38 -8.49 -27.68 1.91
N ILE A 39 -8.56 -26.60 2.67
CA ILE A 39 -7.38 -26.13 3.40
C ILE A 39 -7.00 -27.04 4.56
N ILE A 40 -7.98 -27.37 5.40
CA ILE A 40 -7.71 -28.08 6.65
C ILE A 40 -7.33 -29.56 6.45
N THR A 41 -7.98 -30.24 5.52
CA THR A 41 -7.85 -31.69 5.46
C THR A 41 -6.38 -32.16 5.41
N PRO A 42 -5.61 -31.71 4.41
CA PRO A 42 -4.20 -32.16 4.34
C PRO A 42 -3.31 -31.56 5.43
N ASN A 43 -3.85 -30.64 6.22
CA ASN A 43 -3.04 -29.95 7.23
C ASN A 43 -3.23 -30.46 8.65
N THR A 44 -4.07 -31.49 8.81
CA THR A 44 -4.33 -32.05 10.12
C THR A 44 -3.05 -32.57 10.76
N LYS A 45 -2.10 -33.00 9.93
CA LYS A 45 -0.84 -33.57 10.42
C LYS A 45 0.28 -32.55 10.62
N THR A 46 0.01 -31.27 10.37
CA THR A 46 0.99 -30.24 10.68
C THR A 46 1.10 -30.11 12.18
N GLU A 47 2.25 -29.64 12.65
CA GLU A 47 2.48 -29.55 14.08
C GLU A 47 1.54 -28.52 14.73
N TYR A 48 1.27 -27.44 14.00
CA TYR A 48 0.42 -26.37 14.50
C TYR A 48 -1.02 -26.82 14.76
N LEU A 49 -1.60 -27.54 13.81
CA LEU A 49 -2.98 -27.98 13.90
C LEU A 49 -3.12 -29.20 14.82
N GLN A 50 -2.10 -30.06 14.81
CA GLN A 50 -2.06 -31.21 15.72
C GLN A 50 -2.19 -30.71 17.15
N ARG A 51 -1.61 -29.54 17.40
CA ARG A 51 -1.68 -28.93 18.72
C ARG A 51 -3.13 -28.78 19.20
N PHE A 52 -4.03 -28.51 18.26
CA PHE A 52 -5.42 -28.22 18.59
C PHE A 52 -6.37 -29.34 18.21
N LEU A 53 -5.78 -30.50 17.93
CA LEU A 53 -6.53 -31.73 17.81
C LEU A 53 -7.50 -31.70 16.63
N ILE A 54 -7.14 -30.90 15.63
CA ILE A 54 -7.85 -30.93 14.36
C ILE A 54 -7.38 -32.16 13.59
N ASP A 55 -7.96 -33.33 13.88
CA ASP A 55 -7.46 -34.59 13.33
C ASP A 55 -8.26 -35.06 12.12
N ARG A 56 -9.46 -34.53 11.96
CA ARG A 56 -10.27 -34.73 10.79
C ARG A 56 -10.85 -33.37 10.49
N PHE A 57 -11.40 -33.19 9.29
CA PHE A 57 -12.07 -31.91 9.08
C PHE A 57 -13.43 -31.91 9.77
N ASP A 58 -13.67 -30.85 10.52
CA ASP A 58 -14.97 -30.59 11.12
C ASP A 58 -14.99 -29.12 11.43
N LYS A 59 -15.93 -28.39 10.84
CA LYS A 59 -15.98 -26.95 11.01
C LYS A 59 -16.12 -26.53 12.47
N GLU A 60 -17.07 -27.15 13.17
CA GLU A 60 -17.32 -26.81 14.59
C GLU A 60 -16.08 -26.98 15.47
N LEU A 61 -15.29 -28.01 15.20
CA LEU A 61 -14.08 -28.28 15.93
C LEU A 61 -12.99 -27.26 15.59
N PHE A 62 -12.87 -26.96 14.31
CA PHE A 62 -11.98 -25.89 13.88
C PHE A 62 -12.34 -24.59 14.62
N LYS A 63 -13.63 -24.27 14.64
CA LYS A 63 -14.09 -23.01 15.26
C LYS A 63 -13.90 -23.02 16.78
N LYS A 64 -14.01 -24.18 17.39
CA LYS A 64 -13.95 -24.30 18.85
C LYS A 64 -12.52 -24.34 19.37
N ASN A 65 -11.65 -25.05 18.64
CA ASN A 65 -10.30 -25.38 19.11
C ASN A 65 -9.16 -24.59 18.51
N VAL A 66 -9.31 -24.13 17.27
CA VAL A 66 -8.25 -23.30 16.68
C VAL A 66 -8.41 -21.85 17.14
N PRO A 67 -7.37 -21.34 17.80
CA PRO A 67 -7.41 -19.98 18.36
C PRO A 67 -7.35 -18.94 17.27
N ILE A 68 -8.00 -17.81 17.50
CA ILE A 68 -7.84 -16.65 16.66
C ILE A 68 -6.59 -15.93 17.13
N VAL A 69 -5.67 -15.68 16.22
CA VAL A 69 -4.34 -15.23 16.62
C VAL A 69 -3.92 -13.90 16.00
N SER A 70 -2.93 -13.26 16.60
CA SER A 70 -2.31 -12.10 16.00
C SER A 70 -0.98 -12.56 15.43
N TYR A 71 -0.36 -11.71 14.63
CA TYR A 71 0.94 -12.04 14.05
C TYR A 71 1.94 -12.45 15.13
N GLU A 72 1.91 -11.76 16.26
CA GLU A 72 2.90 -11.98 17.31
CA GLU A 72 2.92 -12.01 17.29
C GLU A 72 2.71 -13.33 17.99
N ASP A 73 1.47 -13.80 18.07
CA ASP A 73 1.18 -15.10 18.68
C ASP A 73 1.88 -16.24 17.93
N ILE A 74 2.01 -16.10 16.62
CA ILE A 74 2.49 -17.20 15.81
C ILE A 74 3.86 -16.93 15.18
N LYS A 75 4.42 -15.76 15.45
CA LYS A 75 5.76 -15.42 14.98
C LYS A 75 6.78 -16.52 15.32
N PRO A 76 6.65 -17.15 16.50
CA PRO A 76 7.59 -18.22 16.82
C PRO A 76 7.56 -19.36 15.81
N TYR A 77 6.38 -19.69 15.31
CA TYR A 77 6.27 -20.73 14.30
C TYR A 77 6.85 -20.22 12.99
N LEU A 78 6.54 -18.97 12.65
CA LEU A 78 7.06 -18.37 11.42
C LEU A 78 8.60 -18.28 11.40
N ASP A 79 9.20 -17.87 12.51
CA ASP A 79 10.65 -17.78 12.64
C ASP A 79 11.33 -19.09 12.24
N ARG A 80 10.77 -20.20 12.74
CA ARG A 80 11.36 -21.52 12.51
C ARG A 80 11.37 -21.88 11.04
N VAL A 81 10.29 -21.53 10.33
CA VAL A 81 10.25 -21.79 8.89
C VAL A 81 11.20 -20.83 8.17
N VAL A 82 11.24 -19.58 8.62
CA VAL A 82 12.21 -18.62 8.12
C VAL A 82 13.65 -19.14 8.31
N ASN A 83 13.89 -19.86 9.41
CA ASN A 83 15.23 -20.38 9.68
C ASN A 83 15.57 -21.74 9.03
N GLY A 84 14.63 -22.34 8.30
CA GLY A 84 14.93 -23.54 7.55
C GLY A 84 14.20 -24.81 7.97
N GLU A 85 13.41 -24.72 9.02
CA GLU A 85 12.63 -25.88 9.46
C GLU A 85 11.57 -26.27 8.42
N SER A 86 11.20 -27.54 8.39
CA SER A 86 10.20 -28.06 7.44
C SER A 86 8.91 -27.24 7.43
N SER A 87 8.34 -27.03 6.24
CA SER A 87 7.11 -26.25 6.09
CA SER A 87 7.13 -26.22 6.14
C SER A 87 5.99 -26.81 6.96
N ASP A 88 5.97 -28.10 7.20
CA ASP A 88 4.86 -28.81 7.80
C ASP A 88 4.72 -28.49 9.27
N VAL A 89 5.57 -27.63 9.79
CA VAL A 89 5.34 -27.04 11.09
C VAL A 89 3.94 -26.41 11.06
N ILE A 90 3.61 -25.81 9.92
CA ILE A 90 2.36 -25.06 9.77
C ILE A 90 1.62 -25.30 8.45
N SER A 91 2.30 -25.86 7.46
CA SER A 91 1.65 -26.05 6.17
C SER A 91 2.13 -27.29 5.42
N ALA A 92 1.18 -28.15 5.05
CA ALA A 92 1.45 -29.32 4.22
C ALA A 92 1.72 -28.94 2.77
N ARG A 93 1.15 -27.82 2.34
CA ARG A 93 1.55 -27.20 1.09
C ARG A 93 2.88 -26.49 1.34
N THR A 94 3.92 -26.87 0.61
CA THR A 94 5.27 -26.39 0.86
C THR A 94 5.39 -24.85 0.82
N ILE A 95 5.97 -24.28 1.87
CA ILE A 95 6.34 -22.87 1.88
C ILE A 95 7.56 -22.69 0.99
N THR A 96 7.43 -21.97 -0.12
CA THR A 96 8.58 -21.82 -1.04
C THR A 96 9.20 -20.41 -1.07
N GLY A 97 8.70 -19.54 -0.20
CA GLY A 97 9.19 -18.18 -0.12
C GLY A 97 8.42 -17.44 0.94
N PHE A 98 8.73 -16.16 1.11
CA PHE A 98 7.97 -15.34 2.04
C PHE A 98 7.59 -14.04 1.37
N LEU A 99 6.55 -13.40 1.90
CA LEU A 99 6.21 -12.06 1.51
C LEU A 99 6.62 -11.09 2.61
N LEU A 100 7.33 -10.04 2.21
CA LEU A 100 7.66 -8.92 3.08
C LEU A 100 6.46 -7.99 3.23
N SER A 101 5.92 -7.91 4.44
CA SER A 101 4.80 -7.02 4.71
C SER A 101 5.30 -5.61 4.96
N SER A 102 4.45 -4.62 4.68
CA SER A 102 4.75 -3.24 5.02
C SER A 102 4.53 -3.08 6.53
N GLY A 103 3.73 -3.97 7.10
CA GLY A 103 3.58 -4.02 8.54
C GLY A 103 4.91 -4.46 9.12
N THR A 104 5.22 -4.01 10.33
CA THR A 104 6.52 -4.30 10.93
C THR A 104 6.41 -4.90 12.33
N SER A 105 7.52 -5.48 12.77
CA SER A 105 7.66 -6.04 14.11
C SER A 105 9.09 -5.78 14.58
N GLY A 106 9.23 -5.04 15.68
CA GLY A 106 10.56 -4.63 16.13
C GLY A 106 11.31 -3.90 15.03
N GLY A 107 10.61 -3.05 14.30
CA GLY A 107 11.21 -2.26 13.24
C GLY A 107 11.46 -3.02 11.95
N ALA A 108 11.37 -4.36 12.02
CA ALA A 108 11.63 -5.22 10.87
C ALA A 108 10.33 -5.68 10.21
N GLN A 109 10.34 -5.73 8.88
CA GLN A 109 9.15 -6.14 8.13
C GLN A 109 8.72 -7.56 8.51
N LYS A 110 7.44 -7.74 8.77
CA LYS A 110 6.88 -9.06 9.04
C LYS A 110 7.10 -9.92 7.81
N MET A 111 7.39 -11.21 8.03
CA MET A 111 7.50 -12.16 6.95
C MET A 111 6.34 -13.15 6.97
N MET A 112 5.56 -13.15 5.88
CA MET A 112 4.43 -14.05 5.75
C MET A 112 4.78 -15.19 4.80
N PRO A 113 4.32 -16.41 5.14
CA PRO A 113 4.65 -17.59 4.33
C PRO A 113 3.95 -17.50 2.97
N TRP A 114 4.54 -18.10 1.96
CA TRP A 114 4.10 -17.91 0.59
C TRP A 114 4.40 -19.17 -0.22
N ASN A 115 3.63 -19.37 -1.27
CA ASN A 115 3.86 -20.44 -2.23
C ASN A 115 3.11 -20.04 -3.48
N ASN A 116 3.08 -20.92 -4.49
CA ASN A 116 2.52 -20.55 -5.79
C ASN A 116 1.01 -20.29 -5.75
N LYS A 117 0.34 -20.77 -4.70
CA LYS A 117 -1.09 -20.57 -4.57
C LYS A 117 -1.36 -19.07 -4.48
N TYR A 118 -0.40 -18.32 -3.94
CA TYR A 118 -0.56 -16.88 -3.84
C TYR A 118 -0.64 -16.27 -5.23
N LEU A 119 0.16 -16.81 -6.15
CA LEU A 119 0.21 -16.36 -7.54
C LEU A 119 -1.01 -16.84 -8.34
N ASP A 120 -1.50 -18.04 -8.06
CA ASP A 120 -2.75 -18.50 -8.68
C ASP A 120 -3.91 -17.57 -8.31
N ASN A 121 -4.03 -17.25 -7.01
CA ASN A 121 -5.05 -16.27 -6.58
C ASN A 121 -4.85 -14.91 -7.22
N LEU A 122 -3.62 -14.43 -7.20
CA LEU A 122 -3.33 -13.09 -7.70
C LEU A 122 -3.75 -12.98 -9.16
N THR A 123 -3.27 -13.90 -9.98
CA THR A 123 -3.54 -13.82 -11.41
C THR A 123 -5.03 -14.06 -11.69
N PHE A 124 -5.66 -14.89 -10.87
CA PHE A 124 -7.12 -15.04 -10.93
C PHE A 124 -7.79 -13.67 -10.72
N ILE A 125 -7.30 -12.94 -9.72
CA ILE A 125 -7.84 -11.63 -9.40
C ILE A 125 -7.58 -10.61 -10.51
N TYR A 126 -6.38 -10.67 -11.08
CA TYR A 126 -6.01 -9.77 -12.17
C TYR A 126 -6.96 -9.98 -13.35
N ASP A 127 -7.25 -11.24 -13.68
CA ASP A 127 -8.11 -11.55 -14.83
C ASP A 127 -9.55 -11.15 -14.57
N LEU A 128 -10.00 -11.35 -13.33
CA LEU A 128 -11.37 -11.00 -12.95
C LEU A 128 -11.58 -9.47 -13.03
N ARG A 129 -10.69 -8.70 -12.41
CA ARG A 129 -10.81 -7.24 -12.44
C ARG A 129 -10.62 -6.68 -13.85
N MET A 130 -9.77 -7.32 -14.63
CA MET A 130 -9.63 -6.94 -16.04
C MET A 130 -10.99 -6.97 -16.71
N GLN A 131 -11.74 -8.04 -16.45
CA GLN A 131 -13.06 -8.22 -17.06
C GLN A 131 -14.03 -7.18 -16.53
N VAL A 132 -13.93 -6.90 -15.23
CA VAL A 132 -14.77 -5.90 -14.58
C VAL A 132 -14.55 -4.53 -15.23
N ILE A 133 -13.29 -4.18 -15.41
CA ILE A 133 -12.93 -2.89 -16.03
C ILE A 133 -13.42 -2.78 -17.48
N THR A 134 -13.21 -3.82 -18.28
CA THR A 134 -13.58 -3.73 -19.69
CA THR A 134 -13.58 -3.78 -19.69
C THR A 134 -15.11 -3.82 -19.90
N LYS A 135 -15.82 -4.36 -18.92
CA LYS A 135 -17.28 -4.31 -18.96
C LYS A 135 -17.74 -2.86 -18.90
N HIS A 136 -16.98 -2.03 -18.19
CA HIS A 136 -17.42 -0.66 -17.89
C HIS A 136 -16.64 0.44 -18.58
N VAL A 137 -15.49 0.10 -19.15
CA VAL A 137 -14.67 1.12 -19.81
C VAL A 137 -14.36 0.72 -21.25
N LYS A 138 -14.70 1.59 -22.18
CA LYS A 138 -14.47 1.29 -23.60
C LYS A 138 -13.22 2.00 -24.12
N GLY A 139 -12.63 1.47 -25.18
CA GLY A 139 -11.50 2.10 -25.83
C GLY A 139 -10.13 1.71 -25.31
N VAL A 140 -10.02 0.52 -24.73
CA VAL A 140 -8.77 0.12 -24.09
C VAL A 140 -8.06 -1.04 -24.78
N GLU A 141 -8.80 -1.80 -25.59
CA GLU A 141 -8.30 -3.09 -26.06
C GLU A 141 -7.17 -3.00 -27.08
N GLU A 142 -7.02 -1.84 -27.72
CA GLU A 142 -5.98 -1.69 -28.72
C GLU A 142 -4.73 -0.98 -28.21
N GLY A 143 -4.84 -0.34 -27.04
CA GLY A 143 -3.75 0.44 -26.50
C GLY A 143 -2.91 -0.28 -25.48
N LYS A 144 -2.09 0.48 -24.76
CA LYS A 144 -1.24 -0.08 -23.73
C LYS A 144 -1.44 0.75 -22.50
N GLY A 145 -0.81 0.33 -21.41
CA GLY A 145 -0.88 1.06 -20.18
C GLY A 145 0.50 1.52 -19.76
N MET A 146 0.61 2.80 -19.39
CA MET A 146 1.83 3.29 -18.79
C MET A 146 1.71 3.03 -17.30
N MET A 147 2.22 1.87 -16.89
CA MET A 147 2.06 1.40 -15.53
C MET A 147 3.36 1.51 -14.77
N PHE A 148 3.33 2.26 -13.69
CA PHE A 148 4.50 2.50 -12.87
C PHE A 148 4.69 1.33 -11.91
N LEU A 149 5.29 0.26 -12.43
CA LEU A 149 5.47 -1.00 -11.75
C LEU A 149 6.93 -1.23 -11.40
N PHE A 150 7.18 -1.63 -10.15
CA PHE A 150 8.52 -1.71 -9.61
C PHE A 150 8.83 -3.06 -8.99
N THR A 151 9.99 -3.61 -9.33
CA THR A 151 10.51 -4.79 -8.65
C THR A 151 11.42 -4.30 -7.52
N LYS A 152 11.26 -4.85 -6.33
CA LYS A 152 12.07 -4.44 -5.18
C LYS A 152 13.18 -5.47 -4.99
N GLN A 153 14.14 -5.16 -4.14
CA GLN A 153 15.16 -6.14 -3.85
C GLN A 153 14.63 -7.07 -2.78
N GLU A 154 14.97 -8.35 -2.88
CA GLU A 154 14.51 -9.32 -1.92
C GLU A 154 15.46 -9.42 -0.73
N SER A 155 15.05 -10.16 0.28
CA SER A 155 15.86 -10.36 1.46
C SER A 155 15.98 -11.87 1.72
N MET A 156 17.17 -12.41 1.51
CA MET A 156 17.39 -13.84 1.69
C MET A 156 17.25 -14.26 3.16
N THR A 157 16.59 -15.40 3.39
CA THR A 157 16.45 -15.92 4.75
C THR A 157 17.38 -17.12 4.93
N PRO A 158 17.71 -17.45 6.19
CA PRO A 158 18.65 -18.56 6.46
C PRO A 158 18.20 -19.89 5.86
N SER A 159 16.89 -20.07 5.68
CA SER A 159 16.37 -21.28 5.05
C SER A 159 16.81 -21.40 3.60
N GLY A 160 17.31 -20.32 3.02
CA GLY A 160 17.59 -20.30 1.60
C GLY A 160 16.42 -19.82 0.77
N LEU A 161 15.30 -19.49 1.41
CA LEU A 161 14.12 -18.98 0.71
C LEU A 161 14.06 -17.45 0.75
N PRO A 162 13.78 -16.82 -0.39
CA PRO A 162 13.75 -15.36 -0.43
C PRO A 162 12.46 -14.76 0.13
N ALA A 163 12.59 -13.58 0.73
CA ALA A 163 11.45 -12.78 1.12
C ALA A 163 11.30 -11.65 0.13
N ARG A 164 10.11 -11.54 -0.47
CA ARG A 164 9.84 -10.52 -1.47
C ARG A 164 8.56 -9.76 -1.16
N VAL A 165 8.44 -8.53 -1.66
CA VAL A 165 7.16 -7.85 -1.56
C VAL A 165 6.22 -8.48 -2.59
N ALA A 166 4.91 -8.31 -2.41
CA ALA A 166 3.95 -9.18 -3.10
C ALA A 166 4.06 -9.17 -4.62
N THR A 167 4.01 -7.99 -5.23
CA THR A 167 4.05 -7.91 -6.69
CA THR A 167 4.04 -7.92 -6.69
C THR A 167 5.39 -8.32 -7.26
N SER A 168 6.45 -8.17 -6.45
CA SER A 168 7.77 -8.64 -6.87
C SER A 168 7.81 -10.16 -6.92
N SER A 169 7.19 -10.82 -5.96
CA SER A 169 7.08 -12.27 -6.02
C SER A 169 6.37 -12.69 -7.33
N TYR A 170 5.50 -11.82 -7.84
CA TYR A 170 4.87 -12.03 -9.17
C TYR A 170 5.79 -11.68 -10.36
N PHE A 171 6.39 -10.49 -10.36
CA PHE A 171 7.26 -10.07 -11.47
C PHE A 171 8.44 -11.01 -11.65
N LYS A 172 8.95 -11.55 -10.57
CA LYS A 172 10.11 -12.37 -10.63
C LYS A 172 9.73 -13.81 -10.89
N SER A 173 8.60 -14.02 -11.56
CA SER A 173 8.10 -15.36 -11.88
C SER A 173 7.58 -15.44 -13.31
N ASP A 174 7.39 -16.66 -13.79
CA ASP A 174 6.89 -16.90 -15.14
C ASP A 174 5.40 -16.60 -15.29
N TYR A 175 4.68 -16.48 -14.16
CA TYR A 175 3.32 -15.94 -14.19
C TYR A 175 3.32 -14.56 -14.84
N PHE A 176 4.37 -13.78 -14.59
CA PHE A 176 4.53 -12.47 -15.22
C PHE A 176 5.23 -12.56 -16.56
N LYS A 177 6.37 -13.25 -16.61
CA LYS A 177 7.15 -13.31 -17.84
C LYS A 177 6.35 -13.92 -18.98
N ASN A 178 5.55 -14.92 -18.65
CA ASN A 178 4.69 -15.61 -19.63
C ASN A 178 3.23 -15.26 -19.45
N ARG A 179 2.96 -14.02 -19.04
CA ARG A 179 1.61 -13.54 -18.82
C ARG A 179 0.83 -13.51 -20.14
N PRO A 180 -0.51 -13.36 -20.05
CA PRO A 180 -1.33 -13.29 -21.26
C PRO A 180 -0.90 -12.16 -22.19
N SER A 181 -1.17 -12.35 -23.47
CA SER A 181 -0.87 -11.35 -24.47
C SER A 181 -2.15 -10.61 -24.85
N ASN A 182 -2.48 -9.58 -24.07
CA ASN A 182 -3.60 -8.70 -24.36
C ASN A 182 -3.35 -7.34 -23.73
N TRP A 183 -4.21 -6.37 -24.06
CA TRP A 183 -4.00 -4.97 -23.68
C TRP A 183 -3.72 -4.84 -22.18
N TYR A 184 -4.43 -5.63 -21.37
CA TYR A 184 -4.34 -5.46 -19.92
C TYR A 184 -2.95 -5.82 -19.36
N TYR A 185 -2.18 -6.57 -20.13
CA TYR A 185 -0.85 -7.00 -19.68
C TYR A 185 0.21 -6.44 -20.60
N SER A 186 -0.14 -5.38 -21.32
CA SER A 186 0.75 -4.80 -22.30
C SER A 186 1.16 -3.42 -21.81
N TYR A 187 2.47 -3.19 -21.68
CA TYR A 187 2.95 -1.92 -21.08
C TYR A 187 3.86 -1.15 -22.04
N THR A 188 3.90 0.16 -21.88
CA THR A 188 4.80 0.95 -22.69
C THR A 188 6.25 0.71 -22.29
N SER A 189 6.46 0.23 -21.06
CA SER A 189 7.79 -0.17 -20.59
C SER A 189 8.12 -1.63 -20.90
N PRO A 190 9.33 -1.87 -21.40
CA PRO A 190 9.85 -3.24 -21.54
C PRO A 190 9.87 -3.93 -20.19
N ASP A 191 9.81 -5.26 -20.18
CA ASP A 191 9.89 -6.00 -18.92
C ASP A 191 11.17 -5.70 -18.13
N GLU A 192 12.28 -5.49 -18.85
CA GLU A 192 13.56 -5.18 -18.18
C GLU A 192 13.44 -3.96 -17.28
N VAL A 193 12.65 -2.99 -17.71
CA VAL A 193 12.43 -1.78 -16.92
C VAL A 193 11.65 -2.14 -15.64
N ILE A 194 10.60 -2.92 -15.81
CA ILE A 194 9.75 -3.32 -14.69
C ILE A 194 10.53 -4.15 -13.69
N LEU A 195 11.45 -4.95 -14.22
CA LEU A 195 12.27 -5.86 -13.43
C LEU A 195 13.50 -5.20 -12.81
N CYS A 196 13.74 -3.93 -13.13
CA CYS A 196 14.96 -3.28 -12.64
C CYS A 196 14.83 -2.91 -11.16
N PRO A 197 15.70 -3.48 -10.32
CA PRO A 197 15.68 -3.25 -8.86
C PRO A 197 16.08 -1.83 -8.45
N ASN A 198 16.72 -1.08 -9.33
CA ASN A 198 16.93 0.35 -9.07
C ASN A 198 15.73 1.17 -9.57
N ASN A 199 14.84 1.54 -8.66
CA ASN A 199 13.57 2.20 -9.02
C ASN A 199 13.69 3.69 -9.39
N THR A 200 14.78 4.33 -8.98
CA THR A 200 15.10 5.66 -9.48
C THR A 200 15.32 5.56 -11.00
N GLU A 201 16.14 4.60 -11.41
CA GLU A 201 16.36 4.35 -12.83
C GLU A 201 15.11 3.84 -13.56
N SER A 202 14.38 2.90 -12.94
CA SER A 202 13.17 2.37 -13.62
C SER A 202 12.03 3.38 -13.73
N LEU A 203 11.85 4.22 -12.71
CA LEU A 203 10.84 5.27 -12.81
C LEU A 203 11.16 6.23 -13.97
N TYR A 204 12.40 6.72 -14.02
CA TYR A 204 12.84 7.55 -15.15
C TYR A 204 12.49 6.85 -16.47
N CYS A 205 12.83 5.58 -16.59
CA CYS A 205 12.62 4.85 -17.83
C CYS A 205 11.13 4.62 -18.15
N HIS A 206 10.34 4.39 -17.11
CA HIS A 206 8.90 4.28 -17.27
C HIS A 206 8.38 5.53 -17.99
N LEU A 207 8.80 6.69 -17.52
CA LEU A 207 8.32 7.96 -18.08
C LEU A 207 8.81 8.17 -19.50
N LEU A 208 10.07 7.86 -19.75
CA LEU A 208 10.63 8.03 -21.10
C LEU A 208 9.87 7.15 -22.11
N CYS A 209 9.72 5.88 -21.77
CA CYS A 209 8.98 4.95 -22.62
C CYS A 209 7.54 5.40 -22.80
N GLY A 210 6.91 5.83 -21.70
CA GLY A 210 5.58 6.42 -21.75
C GLY A 210 5.48 7.55 -22.76
N LEU A 211 6.41 8.49 -22.67
CA LEU A 211 6.42 9.66 -23.56
C LEU A 211 6.64 9.29 -25.02
N VAL A 212 7.61 8.43 -25.28
CA VAL A 212 7.86 7.99 -26.66
C VAL A 212 6.63 7.32 -27.31
N GLN A 213 5.85 6.61 -26.50
CA GLN A 213 4.70 5.86 -27.01
C GLN A 213 3.38 6.48 -26.57
N ARG A 214 3.39 7.79 -26.35
CA ARG A 214 2.30 8.49 -25.69
C ARG A 214 0.92 8.29 -26.33
N ASP A 215 0.86 8.22 -27.67
CA ASP A 215 -0.42 7.99 -28.35
C ASP A 215 -1.06 6.63 -28.04
N GLU A 216 -0.26 5.66 -27.61
CA GLU A 216 -0.77 4.31 -27.38
C GLU A 216 -1.30 4.11 -25.97
N VAL A 217 -1.06 5.11 -25.11
CA VAL A 217 -1.44 4.97 -23.71
C VAL A 217 -2.95 5.12 -23.50
N VAL A 218 -3.59 4.04 -23.06
CA VAL A 218 -5.02 4.06 -22.80
C VAL A 218 -5.31 3.95 -21.31
N ARG A 219 -4.27 3.65 -20.53
CA ARG A 219 -4.40 3.64 -19.07
C ARG A 219 -3.05 3.86 -18.43
N THR A 220 -3.08 4.39 -17.22
CA THR A 220 -1.86 4.62 -16.45
C THR A 220 -2.20 4.40 -14.98
N GLY A 221 -1.20 4.22 -14.14
CA GLY A 221 -1.46 3.90 -12.75
C GLY A 221 -0.32 3.18 -12.07
N SER A 222 -0.60 2.71 -10.86
CA SER A 222 0.39 2.08 -10.00
C SER A 222 -0.43 1.40 -8.92
N ILE A 223 0.21 0.59 -8.09
CA ILE A 223 -0.55 -0.11 -7.05
C ILE A 223 -1.26 0.91 -6.17
N PHE A 224 -0.51 1.89 -5.68
CA PHE A 224 -1.07 2.86 -4.74
C PHE A 224 -0.99 4.28 -5.28
N ALA A 225 -1.96 5.11 -4.92
CA ALA A 225 -2.01 6.50 -5.38
C ALA A 225 -0.74 7.33 -5.12
N SER A 226 -0.06 7.07 -4.01
CA SER A 226 1.17 7.80 -3.66
C SER A 226 2.23 7.67 -4.75
N VAL A 227 2.39 6.46 -5.26
CA VAL A 227 3.34 6.18 -6.34
C VAL A 227 2.93 6.89 -7.64
N MET A 228 1.63 6.94 -7.91
CA MET A 228 1.17 7.65 -9.09
C MET A 228 1.48 9.15 -8.96
N VAL A 229 1.27 9.70 -7.76
CA VAL A 229 1.62 11.09 -7.51
C VAL A 229 3.13 11.30 -7.67
N ARG A 230 3.93 10.40 -7.11
CA ARG A 230 5.37 10.55 -7.22
CA ARG A 230 5.37 10.48 -7.20
C ARG A 230 5.81 10.50 -8.68
N ALA A 231 5.22 9.61 -9.47
CA ALA A 231 5.55 9.54 -10.88
C ALA A 231 5.34 10.89 -11.58
N ILE A 232 4.17 11.51 -11.37
CA ILE A 232 3.91 12.83 -11.93
C ILE A 232 4.87 13.93 -11.41
N GLU A 233 5.17 13.91 -10.11
CA GLU A 233 6.08 14.89 -9.56
C GLU A 233 7.49 14.70 -10.17
N VAL A 234 7.91 13.44 -10.29
CA VAL A 234 9.20 13.19 -10.89
C VAL A 234 9.17 13.67 -12.34
N LEU A 235 8.04 13.46 -13.00
CA LEU A 235 7.86 13.97 -14.36
C LEU A 235 8.11 15.49 -14.40
N LYS A 236 7.48 16.20 -13.47
CA LYS A 236 7.60 17.65 -13.38
C LYS A 236 9.05 18.09 -13.16
N ASN A 237 9.82 17.25 -12.48
CA ASN A 237 11.23 17.52 -12.16
C ASN A 237 12.25 16.99 -13.16
N SER A 238 11.78 16.33 -14.22
CA SER A 238 12.68 15.61 -15.12
C SER A 238 12.33 15.77 -16.60
N TRP A 239 11.27 16.50 -16.90
CA TRP A 239 10.74 16.53 -18.26
C TRP A 239 11.74 17.07 -19.26
N GLU A 240 12.55 18.05 -18.84
CA GLU A 240 13.58 18.61 -19.71
C GLU A 240 14.56 17.52 -20.12
N GLU A 241 14.99 16.73 -19.13
CA GLU A 241 15.96 15.68 -19.41
C GLU A 241 15.34 14.61 -20.29
N LEU A 242 14.10 14.23 -19.97
CA LEU A 242 13.42 13.18 -20.70
C LEU A 242 13.31 13.56 -22.17
N CYS A 243 12.91 14.79 -22.41
CA CYS A 243 12.81 15.26 -23.78
C CYS A 243 14.17 15.34 -24.48
N SER A 244 15.25 15.60 -23.74
CA SER A 244 16.58 15.58 -24.37
C SER A 244 16.93 14.18 -24.88
N ASN A 245 16.59 13.16 -24.10
CA ASN A 245 16.77 11.77 -24.54
C ASN A 245 15.95 11.47 -25.80
N ILE A 246 14.70 11.89 -25.80
CA ILE A 246 13.82 11.69 -26.94
C ILE A 246 14.40 12.38 -28.16
N ARG A 247 14.93 13.59 -27.94
CA ARG A 247 15.46 14.39 -29.04
C ARG A 247 16.70 13.75 -29.68
N SER A 248 17.58 13.22 -28.84
CA SER A 248 18.84 12.63 -29.29
C SER A 248 18.67 11.17 -29.69
N GLY A 249 17.68 10.52 -29.09
CA GLY A 249 17.48 9.10 -29.32
C GLY A 249 18.37 8.25 -28.43
N HIS A 250 19.02 8.88 -27.45
CA HIS A 250 19.85 8.15 -26.48
C HIS A 250 19.37 8.38 -25.06
N LEU A 251 19.35 7.29 -24.29
CA LEU A 251 19.10 7.32 -22.87
C LEU A 251 20.26 8.04 -22.12
N SER A 252 19.93 8.78 -21.08
CA SER A 252 20.99 9.43 -20.29
C SER A 252 22.04 8.42 -19.78
N ASN A 253 23.30 8.83 -19.84
CA ASN A 253 24.41 7.98 -19.40
C ASN A 253 24.27 7.48 -17.97
N TRP A 254 23.57 8.23 -17.12
CA TRP A 254 23.53 7.90 -15.70
C TRP A 254 22.76 6.62 -15.36
N VAL A 255 21.85 6.20 -16.25
CA VAL A 255 21.11 4.95 -15.99
C VAL A 255 22.06 3.77 -16.19
N THR A 256 22.34 3.03 -15.12
CA THR A 256 23.39 2.01 -15.16
C THR A 256 22.86 0.63 -15.53
N ASP A 257 21.59 0.38 -15.23
CA ASP A 257 21.02 -0.95 -15.42
C ASP A 257 21.12 -1.40 -16.89
N LEU A 258 21.82 -2.50 -17.11
CA LEU A 258 22.05 -3.01 -18.47
C LEU A 258 20.76 -3.35 -19.23
N GLY A 259 19.82 -4.01 -18.54
CA GLY A 259 18.52 -4.29 -19.11
C GLY A 259 17.78 -3.03 -19.57
N CYS A 260 17.77 -2.00 -18.72
CA CYS A 260 17.17 -0.71 -19.09
C CYS A 260 17.85 -0.10 -20.32
N GLN A 261 19.18 -0.06 -20.29
CA GLN A 261 19.93 0.49 -21.43
C GLN A 261 19.55 -0.19 -22.74
N ASN A 262 19.61 -1.52 -22.76
CA ASN A 262 19.34 -2.27 -23.97
C ASN A 262 17.91 -2.13 -24.45
N SER A 263 16.96 -2.29 -23.53
CA SER A 263 15.55 -2.32 -23.93
C SER A 263 15.05 -0.91 -24.26
N VAL A 264 15.47 0.09 -23.49
CA VAL A 264 15.02 1.45 -23.73
C VAL A 264 15.64 2.03 -25.02
N SER A 265 16.88 1.66 -25.29
CA SER A 265 17.50 2.02 -26.55
C SER A 265 16.60 1.64 -27.73
N LEU A 266 15.97 0.46 -27.66
CA LEU A 266 15.11 -0.03 -28.73
C LEU A 266 13.81 0.77 -28.83
N VAL A 267 13.20 1.06 -27.70
CA VAL A 267 12.02 1.93 -27.69
C VAL A 267 12.36 3.26 -28.38
N LEU A 268 13.44 3.90 -27.94
CA LEU A 268 13.89 5.17 -28.52
C LEU A 268 14.14 5.06 -30.02
N GLY A 269 14.94 4.07 -30.44
CA GLY A 269 15.14 3.79 -31.85
C GLY A 269 16.07 4.74 -32.59
N GLY A 270 15.91 6.04 -32.35
CA GLY A 270 16.67 7.06 -33.06
C GLY A 270 16.17 8.44 -32.67
N PRO A 271 16.82 9.49 -33.19
CA PRO A 271 16.47 10.87 -32.84
C PRO A 271 14.99 11.15 -33.14
N ARG A 272 14.30 11.79 -32.21
CA ARG A 272 12.91 12.22 -32.40
C ARG A 272 12.74 13.67 -31.98
N PRO A 273 13.46 14.59 -32.65
CA PRO A 273 13.42 16.02 -32.27
C PRO A 273 11.99 16.57 -32.27
N GLU A 274 11.22 16.15 -33.27
CA GLU A 274 9.87 16.67 -33.47
C GLU A 274 8.95 16.25 -32.32
N LEU A 275 9.07 15.01 -31.88
CA LEU A 275 8.29 14.54 -30.74
C LEU A 275 8.76 15.26 -29.48
N ALA A 276 10.08 15.42 -29.35
CA ALA A 276 10.60 16.20 -28.23
C ALA A 276 9.98 17.62 -28.19
N ASP A 277 9.95 18.29 -29.35
CA ASP A 277 9.34 19.62 -29.42
C ASP A 277 7.88 19.63 -28.96
N THR A 278 7.13 18.63 -29.42
CA THR A 278 5.72 18.49 -29.07
C THR A 278 5.50 18.38 -27.56
N ILE A 279 6.31 17.57 -26.91
CA ILE A 279 6.17 17.35 -25.47
C ILE A 279 6.65 18.55 -24.66
N GLU A 280 7.75 19.16 -25.11
CA GLU A 280 8.24 20.36 -24.46
C GLU A 280 7.17 21.46 -24.48
N GLU A 281 6.50 21.61 -25.62
CA GLU A 281 5.44 22.61 -25.73
C GLU A 281 4.32 22.36 -24.72
N ILE A 282 3.99 21.10 -24.50
CA ILE A 282 2.96 20.75 -23.51
C ILE A 282 3.46 21.04 -22.09
N CYS A 283 4.67 20.60 -21.79
CA CYS A 283 5.21 20.81 -20.45
C CYS A 283 5.48 22.28 -20.15
N ASN A 284 5.78 23.07 -21.18
CA ASN A 284 6.04 24.51 -20.97
C ASN A 284 4.82 25.40 -20.65
N GLN A 285 3.64 24.82 -20.50
CA GLN A 285 2.44 25.63 -20.20
C GLN A 285 2.47 26.24 -18.80
N ASN A 286 1.62 27.24 -18.60
CA ASN A 286 1.53 27.97 -17.33
C ASN A 286 1.34 27.08 -16.10
N SER A 287 0.47 26.10 -16.23
CA SER A 287 0.02 25.32 -15.08
C SER A 287 0.10 23.84 -15.37
N TRP A 288 0.37 23.03 -14.35
CA TRP A 288 0.48 21.58 -14.52
C TRP A 288 -0.89 20.92 -14.51
N LYS A 289 -1.93 21.71 -14.35
CA LYS A 289 -3.29 21.19 -14.33
C LYS A 289 -3.57 20.35 -15.57
N GLY A 290 -4.12 19.15 -15.38
CA GLY A 290 -4.49 18.29 -16.49
C GLY A 290 -3.31 17.70 -17.26
N ILE A 291 -2.11 17.81 -16.69
CA ILE A 291 -0.88 17.42 -17.38
C ILE A 291 -0.92 15.97 -17.86
N VAL A 292 -1.48 15.08 -17.05
CA VAL A 292 -1.53 13.68 -17.47
C VAL A 292 -2.38 13.52 -18.72
N LYS A 293 -3.55 14.17 -18.74
CA LYS A 293 -4.42 14.08 -19.91
C LYS A 293 -3.83 14.78 -21.14
N ARG A 294 -3.08 15.85 -20.92
CA ARG A 294 -2.49 16.58 -22.04
C ARG A 294 -1.36 15.78 -22.70
N LEU A 295 -0.53 15.15 -21.88
CA LEU A 295 0.57 14.34 -22.38
C LEU A 295 0.08 13.02 -22.94
N TRP A 296 -0.97 12.48 -22.31
CA TRP A 296 -1.50 11.18 -22.69
C TRP A 296 -3.00 11.25 -22.97
N PRO A 297 -3.36 11.85 -24.12
CA PRO A 297 -4.74 12.23 -24.45
C PRO A 297 -5.69 11.06 -24.71
N ASN A 298 -5.15 9.86 -24.92
CA ASN A 298 -6.01 8.70 -25.12
C ASN A 298 -6.22 7.92 -23.82
N THR A 299 -5.66 8.41 -22.73
CA THR A 299 -5.86 7.75 -21.45
C THR A 299 -7.35 7.70 -21.14
N LYS A 300 -7.86 6.51 -20.82
CA LYS A 300 -9.28 6.35 -20.47
C LYS A 300 -9.54 6.39 -18.95
N TYR A 301 -8.56 5.98 -18.15
CA TYR A 301 -8.71 6.03 -16.69
C TYR A 301 -7.36 5.86 -15.96
N ILE A 302 -7.34 6.21 -14.68
CA ILE A 302 -6.16 6.02 -13.85
C ILE A 302 -6.43 4.85 -12.90
N GLU A 303 -5.57 3.84 -12.97
CA GLU A 303 -5.73 2.61 -12.20
C GLU A 303 -4.84 2.57 -10.98
N THR A 304 -5.41 2.86 -9.82
CA THR A 304 -4.59 2.99 -8.63
C THR A 304 -5.49 3.03 -7.39
N VAL A 305 -4.99 2.46 -6.30
CA VAL A 305 -5.77 2.45 -5.06
C VAL A 305 -5.86 3.86 -4.47
N VAL A 306 -7.09 4.31 -4.24
CA VAL A 306 -7.33 5.62 -3.67
C VAL A 306 -8.06 5.54 -2.34
N THR A 307 -8.08 4.35 -1.75
CA THR A 307 -8.78 4.17 -0.48
C THR A 307 -7.81 4.08 0.68
N GLY A 308 -8.34 4.07 1.90
CA GLY A 308 -7.48 4.11 3.08
C GLY A 308 -6.67 5.39 3.06
N SER A 309 -5.42 5.31 3.50
CA SER A 309 -4.58 6.51 3.60
C SER A 309 -4.27 7.12 2.24
N MET A 310 -4.41 6.33 1.17
CA MET A 310 -4.25 6.86 -0.18
C MET A 310 -5.31 7.89 -0.59
N GLY A 311 -6.38 8.00 0.20
CA GLY A 311 -7.43 8.96 -0.12
C GLY A 311 -6.91 10.40 -0.11
N GLN A 312 -5.88 10.62 0.69
CA GLN A 312 -5.29 11.95 0.83
C GLN A 312 -4.71 12.47 -0.50
N TYR A 313 -4.45 11.57 -1.44
CA TYR A 313 -3.89 11.93 -2.75
C TYR A 313 -4.93 12.19 -3.85
N VAL A 314 -6.21 12.02 -3.52
CA VAL A 314 -7.26 12.12 -4.52
C VAL A 314 -7.37 13.52 -5.14
N PRO A 315 -7.32 14.60 -4.31
CA PRO A 315 -7.33 15.96 -4.88
C PRO A 315 -6.17 16.23 -5.84
N MET A 316 -4.96 15.82 -5.46
CA MET A 316 -3.81 16.02 -6.34
C MET A 316 -3.99 15.29 -7.67
N LEU A 317 -4.42 14.02 -7.61
CA LEU A 317 -4.67 13.22 -8.81
C LEU A 317 -5.70 13.85 -9.74
N ASN A 318 -6.81 14.31 -9.17
CA ASN A 318 -7.85 14.96 -10.00
C ASN A 318 -7.30 16.20 -10.70
N TYR A 319 -6.50 17.00 -9.97
CA TYR A 319 -5.82 18.17 -10.55
C TYR A 319 -4.93 17.80 -11.74
N TYR A 320 -4.01 16.88 -11.53
CA TYR A 320 -3.13 16.47 -12.60
C TYR A 320 -3.86 15.73 -13.74
N CYS A 321 -4.92 15.01 -13.41
CA CYS A 321 -5.55 14.13 -14.40
C CYS A 321 -6.86 14.62 -15.00
N ASN A 322 -7.18 15.90 -14.78
CA ASN A 322 -8.42 16.48 -15.29
CA ASN A 322 -8.42 16.47 -15.30
C ASN A 322 -9.62 15.56 -15.05
N ASP A 323 -9.74 15.08 -13.82
CA ASP A 323 -10.86 14.24 -13.44
C ASP A 323 -11.13 13.06 -14.40
N LEU A 324 -10.07 12.48 -14.97
CA LEU A 324 -10.17 11.16 -15.56
C LEU A 324 -10.58 10.27 -14.41
N PRO A 325 -11.38 9.22 -14.69
CA PRO A 325 -11.82 8.31 -13.63
C PRO A 325 -10.64 7.72 -12.86
N LEU A 326 -10.70 7.78 -11.53
CA LEU A 326 -9.70 7.10 -10.70
C LEU A 326 -10.30 5.74 -10.31
N VAL A 327 -9.68 4.67 -10.81
CA VAL A 327 -10.25 3.33 -10.61
C VAL A 327 -9.41 2.50 -9.62
N SER A 328 -10.04 2.17 -8.51
CA SER A 328 -9.40 1.52 -7.36
C SER A 328 -9.91 0.08 -7.28
N THR A 329 -9.11 -0.88 -7.75
CA THR A 329 -9.63 -2.20 -8.07
C THR A 329 -9.57 -3.24 -6.97
N THR A 330 -8.50 -3.24 -6.19
CA THR A 330 -8.18 -4.41 -5.40
C THR A 330 -7.79 -4.13 -3.96
N TYR A 331 -8.25 -4.96 -3.05
CA TYR A 331 -7.83 -4.88 -1.66
C TYR A 331 -7.12 -6.19 -1.32
N GLY A 332 -5.87 -6.09 -0.90
CA GLY A 332 -5.12 -7.27 -0.54
C GLY A 332 -4.06 -7.02 0.51
N SER A 333 -3.41 -8.09 0.94
CA SER A 333 -2.42 -8.00 1.99
C SER A 333 -1.43 -9.14 1.85
N SER A 334 -0.48 -9.17 2.77
CA SER A 334 0.51 -10.22 2.82
C SER A 334 -0.14 -11.52 3.25
N GLU A 335 -1.29 -11.42 3.90
CA GLU A 335 -1.99 -12.63 4.32
C GLU A 335 -2.67 -13.27 3.11
N THR A 336 -3.35 -12.44 2.34
CA THR A 336 -4.20 -12.91 1.26
C THR A 336 -4.70 -11.74 0.46
N THR A 337 -5.00 -11.98 -0.82
CA THR A 337 -5.78 -11.01 -1.55
C THR A 337 -7.21 -11.15 -1.02
N PHE A 338 -7.92 -10.05 -0.90
CA PHE A 338 -9.29 -10.10 -0.36
C PHE A 338 -10.35 -10.15 -1.46
N GLY A 339 -10.32 -9.18 -2.38
CA GLY A 339 -11.32 -9.15 -3.43
C GLY A 339 -11.31 -7.82 -4.16
N ILE A 340 -12.37 -7.47 -4.86
CA ILE A 340 -12.25 -6.36 -5.80
C ILE A 340 -13.47 -5.45 -5.80
N ASN A 341 -13.25 -4.26 -6.34
CA ASN A 341 -14.30 -3.28 -6.54
C ASN A 341 -15.15 -3.62 -7.78
N LEU A 342 -16.38 -4.07 -7.57
CA LEU A 342 -17.27 -4.42 -8.70
C LEU A 342 -18.00 -3.22 -9.29
N ASP A 343 -17.68 -2.02 -8.81
CA ASP A 343 -18.21 -0.76 -9.36
C ASP A 343 -17.01 0.18 -9.56
N PRO A 344 -16.18 -0.11 -10.57
CA PRO A 344 -14.90 0.56 -10.76
C PRO A 344 -15.02 2.07 -11.00
N LEU A 345 -16.09 2.52 -11.65
CA LEU A 345 -16.27 3.94 -11.99
C LEU A 345 -16.90 4.79 -10.88
N CYS A 346 -17.18 4.18 -9.72
CA CYS A 346 -17.71 4.93 -8.58
C CYS A 346 -16.69 5.97 -8.11
N LYS A 347 -17.15 6.95 -7.33
CA LYS A 347 -16.22 7.94 -6.75
C LYS A 347 -15.32 7.29 -5.72
N PRO A 348 -14.11 7.87 -5.50
CA PRO A 348 -13.18 7.28 -4.53
C PRO A 348 -13.79 7.06 -3.15
N GLU A 349 -14.67 7.96 -2.72
CA GLU A 349 -15.28 7.85 -1.38
C GLU A 349 -16.33 6.74 -1.27
N ASP A 350 -16.87 6.29 -2.40
CA ASP A 350 -17.84 5.19 -2.42
C ASP A 350 -17.24 3.84 -2.81
N VAL A 351 -15.91 3.77 -2.86
CA VAL A 351 -15.24 2.51 -3.21
C VAL A 351 -15.45 1.47 -2.13
N SER A 352 -16.14 0.38 -2.47
CA SER A 352 -16.09 -0.81 -1.62
C SER A 352 -15.53 -2.01 -2.37
N TYR A 353 -15.00 -2.95 -1.59
CA TYR A 353 -14.36 -4.15 -2.12
C TYR A 353 -15.18 -5.38 -1.77
N THR A 354 -15.59 -6.11 -2.80
CA THR A 354 -16.33 -7.36 -2.66
C THR A 354 -15.32 -8.51 -2.46
N PHE A 355 -15.33 -9.15 -1.29
CA PHE A 355 -14.37 -10.25 -1.04
C PHE A 355 -14.73 -11.41 -1.95
N MET A 356 -13.71 -12.09 -2.45
CA MET A 356 -13.90 -13.26 -3.31
C MET A 356 -13.68 -14.51 -2.45
N PRO A 357 -14.70 -15.38 -2.38
CA PRO A 357 -14.77 -16.48 -1.41
C PRO A 357 -13.85 -17.65 -1.76
N ASN A 358 -13.15 -17.57 -2.88
CA ASN A 358 -12.16 -18.58 -3.24
C ASN A 358 -10.74 -18.19 -2.80
N MET A 359 -10.57 -17.00 -2.24
CA MET A 359 -9.23 -16.50 -1.90
C MET A 359 -8.63 -17.16 -0.66
N SER A 360 -9.37 -17.09 0.44
CA SER A 360 -8.98 -17.72 1.69
C SER A 360 -10.28 -17.93 2.43
N TYR A 361 -10.23 -18.56 3.60
CA TYR A 361 -11.42 -18.63 4.45
C TYR A 361 -11.45 -17.41 5.35
N PHE A 362 -12.53 -16.62 5.23
CA PHE A 362 -12.65 -15.35 5.91
C PHE A 362 -13.58 -15.41 7.13
N GLU A 363 -13.12 -14.82 8.22
CA GLU A 363 -13.99 -14.61 9.38
C GLU A 363 -13.85 -13.16 9.82
N PHE A 364 -14.76 -12.71 10.66
CA PHE A 364 -14.82 -11.30 11.02
C PHE A 364 -15.11 -11.05 12.50
N ILE A 365 -14.25 -10.27 13.13
CA ILE A 365 -14.47 -9.87 14.52
C ILE A 365 -15.15 -8.49 14.59
N PRO A 366 -16.34 -8.44 15.20
CA PRO A 366 -17.08 -7.17 15.29
C PRO A 366 -16.27 -6.07 15.98
N MET A 367 -16.27 -4.87 15.39
CA MET A 367 -15.52 -3.75 15.94
C MET A 367 -16.42 -2.61 16.44
N ASP A 368 -17.74 -2.87 16.47
CA ASP A 368 -18.67 -1.98 17.18
C ASP A 368 -19.86 -2.76 17.77
N GLY A 369 -20.81 -2.06 18.37
CA GLY A 369 -21.95 -2.70 19.03
C GLY A 369 -23.01 -3.29 18.11
N GLY A 370 -22.95 -2.95 16.83
CA GLY A 370 -23.96 -3.39 15.88
C GLY A 370 -24.01 -4.90 15.67
N ASP A 371 -22.95 -5.60 16.03
CA ASP A 371 -22.93 -7.07 15.90
C ASP A 371 -22.41 -7.69 17.20
N LYS A 372 -23.30 -8.35 17.93
CA LYS A 372 -22.93 -8.85 19.27
C LYS A 372 -22.26 -10.23 19.29
N ASN A 373 -22.14 -10.88 18.13
CA ASN A 373 -21.42 -12.15 18.05
C ASN A 373 -19.92 -11.98 18.26
N ASP A 374 -19.25 -13.02 18.73
CA ASP A 374 -17.80 -12.96 18.96
C ASP A 374 -17.01 -13.02 17.66
N VAL A 375 -17.44 -13.88 16.73
CA VAL A 375 -16.81 -13.98 15.42
C VAL A 375 -17.80 -14.54 14.40
N VAL A 376 -17.77 -14.01 13.17
CA VAL A 376 -18.78 -14.37 12.19
C VAL A 376 -18.20 -14.68 10.81
N ASP A 377 -18.87 -15.56 10.09
CA ASP A 377 -18.47 -15.94 8.75
C ASP A 377 -18.77 -14.82 7.75
N LEU A 378 -18.15 -14.92 6.58
CA LEU A 378 -18.33 -13.98 5.49
C LEU A 378 -19.80 -13.71 5.19
N GLU A 379 -20.58 -14.78 5.06
CA GLU A 379 -22.02 -14.69 4.76
C GLU A 379 -22.87 -13.99 5.82
N ASP A 380 -22.31 -13.80 7.02
CA ASP A 380 -23.11 -13.36 8.16
C ASP A 380 -22.85 -11.92 8.62
N VAL A 381 -21.87 -11.25 8.00
CA VAL A 381 -21.58 -9.85 8.36
C VAL A 381 -22.80 -8.97 8.11
N LYS A 382 -23.00 -7.96 8.95
CA LYS A 382 -24.23 -7.16 8.88
C LYS A 382 -23.97 -5.80 8.26
N LEU A 383 -24.93 -5.36 7.44
CA LEU A 383 -24.91 -4.03 6.85
C LEU A 383 -24.70 -3.00 7.94
N GLY A 384 -23.79 -2.05 7.71
CA GLY A 384 -23.58 -0.98 8.66
C GLY A 384 -22.62 -1.27 9.81
N CYS A 385 -22.18 -2.52 9.92
CA CYS A 385 -21.24 -2.90 10.98
C CYS A 385 -19.79 -2.94 10.51
N THR A 386 -18.87 -2.57 11.42
CA THR A 386 -17.44 -2.67 11.16
C THR A 386 -16.89 -3.95 11.75
N TYR A 387 -15.81 -4.45 11.16
CA TYR A 387 -15.21 -5.71 11.57
C TYR A 387 -13.72 -5.70 11.30
N GLU A 388 -13.01 -6.59 11.98
CA GLU A 388 -11.64 -6.93 11.61
C GLU A 388 -11.59 -8.27 10.87
N PRO A 389 -11.03 -8.28 9.65
CA PRO A 389 -10.97 -9.56 8.94
C PRO A 389 -10.02 -10.52 9.64
N VAL A 390 -10.33 -11.80 9.55
CA VAL A 390 -9.53 -12.87 10.13
C VAL A 390 -9.36 -13.90 9.04
N VAL A 391 -8.13 -14.36 8.83
CA VAL A 391 -7.79 -15.11 7.63
C VAL A 391 -7.21 -16.49 7.88
N THR A 392 -7.72 -17.47 7.15
CA THR A 392 -7.14 -18.80 7.09
C THR A 392 -6.76 -19.06 5.63
N ASN A 393 -5.46 -19.18 5.37
CA ASN A 393 -5.00 -19.25 3.99
C ASN A 393 -4.36 -20.58 3.58
N PHE A 394 -3.76 -20.60 2.39
CA PHE A 394 -3.15 -21.80 1.84
C PHE A 394 -1.66 -21.88 2.10
N ALA A 395 -1.19 -21.15 3.09
CA ALA A 395 0.21 -21.15 3.43
C ALA A 395 0.57 -21.25 4.93
N GLY A 396 -0.31 -21.75 5.74
CA GLY A 396 0.02 -21.98 7.15
C GLY A 396 -0.41 -20.90 8.12
N LEU A 397 -1.27 -19.98 7.67
CA LEU A 397 -1.92 -19.04 8.59
C LEU A 397 -3.34 -19.53 8.89
N TYR A 398 -3.66 -19.71 10.17
CA TYR A 398 -4.98 -20.17 10.60
C TYR A 398 -5.63 -19.15 11.54
N ARG A 399 -6.82 -18.67 11.18
CA ARG A 399 -7.55 -17.65 11.93
C ARG A 399 -6.67 -16.48 12.38
N MET A 400 -5.99 -15.87 11.42
CA MET A 400 -5.07 -14.77 11.68
C MET A 400 -5.73 -13.39 11.51
N ARG A 401 -5.78 -12.62 12.60
CA ARG A 401 -6.28 -11.25 12.56
C ARG A 401 -5.42 -10.38 11.66
N VAL A 402 -6.05 -9.53 10.86
CA VAL A 402 -5.35 -8.79 9.81
C VAL A 402 -4.95 -7.38 10.26
N GLY A 403 -5.69 -6.82 11.22
CA GLY A 403 -5.36 -5.52 11.75
C GLY A 403 -5.98 -4.37 10.99
N ASP A 404 -6.79 -4.67 9.98
CA ASP A 404 -7.54 -3.63 9.28
C ASP A 404 -8.97 -3.59 9.81
N ILE A 405 -9.60 -2.42 9.72
CA ILE A 405 -11.00 -2.27 10.06
C ILE A 405 -11.79 -2.04 8.77
N VAL A 406 -12.82 -2.85 8.56
CA VAL A 406 -13.67 -2.65 7.40
C VAL A 406 -15.14 -2.50 7.78
N LEU A 407 -15.90 -1.87 6.89
CA LEU A 407 -17.30 -1.57 7.12
C LEU A 407 -18.16 -2.16 6.00
N VAL A 408 -19.18 -2.93 6.37
CA VAL A 408 -20.08 -3.52 5.37
C VAL A 408 -21.00 -2.46 4.76
N THR A 409 -20.97 -2.30 3.45
CA THR A 409 -21.71 -1.21 2.81
C THR A 409 -22.80 -1.74 1.89
N GLY A 410 -22.77 -3.04 1.64
CA GLY A 410 -23.71 -3.62 0.69
C GLY A 410 -23.40 -5.08 0.41
N PHE A 411 -24.16 -5.64 -0.53
CA PHE A 411 -24.03 -7.04 -0.89
C PHE A 411 -24.19 -7.22 -2.40
N TYR A 412 -23.30 -7.94 -3.03
CA TYR A 412 -23.49 -8.31 -4.39
C TYR A 412 -23.90 -9.76 -4.38
N ASN A 413 -25.13 -9.99 -4.78
CA ASN A 413 -25.71 -11.27 -4.52
C ASN A 413 -25.57 -11.58 -2.99
N ASN A 414 -24.95 -12.66 -2.64
CA ASN A 414 -24.67 -12.97 -1.26
C ASN A 414 -23.29 -12.57 -0.77
N ALA A 415 -22.51 -11.90 -1.60
CA ALA A 415 -21.18 -11.48 -1.20
C ALA A 415 -21.21 -10.08 -0.61
N PRO A 416 -20.83 -9.95 0.67
CA PRO A 416 -20.79 -8.62 1.29
C PRO A 416 -19.73 -7.74 0.64
N GLN A 417 -19.98 -6.44 0.63
CA GLN A 417 -19.04 -5.48 0.05
C GLN A 417 -18.55 -4.59 1.17
N PHE A 418 -17.25 -4.31 1.16
CA PHE A 418 -16.58 -3.69 2.30
C PHE A 418 -15.83 -2.39 1.96
N LYS A 419 -16.12 -1.33 2.71
CA LYS A 419 -15.30 -0.11 2.64
C LYS A 419 -14.14 -0.30 3.59
N PHE A 420 -12.94 0.02 3.13
CA PHE A 420 -11.78 -0.04 3.98
C PHE A 420 -11.83 1.20 4.86
N VAL A 421 -11.87 1.00 6.18
CA VAL A 421 -11.97 2.13 7.10
C VAL A 421 -10.58 2.65 7.48
N ARG A 422 -9.74 1.75 7.99
CA ARG A 422 -8.42 2.14 8.50
C ARG A 422 -7.61 0.92 8.88
N ARG A 423 -6.29 1.06 8.92
CA ARG A 423 -5.47 0.08 9.64
C ARG A 423 -5.35 0.52 11.10
N GLU A 424 -5.70 -0.35 12.01
CA GLU A 424 -5.79 0.00 13.43
CA GLU A 424 -5.80 0.01 13.42
C GLU A 424 -4.41 0.41 14.04
N ASN A 425 -4.45 1.50 14.74
CA ASN A 425 -3.31 2.01 15.49
C ASN A 425 -2.40 2.92 14.63
N VAL A 426 -2.58 2.92 13.32
CA VAL A 426 -1.72 3.71 12.47
C VAL A 426 -2.00 5.18 12.64
N VAL A 427 -0.98 5.98 12.84
CA VAL A 427 -1.20 7.42 13.05
C VAL A 427 -0.55 8.27 11.97
N LEU A 428 0.39 7.67 11.23
CA LEU A 428 1.12 8.40 10.20
C LEU A 428 1.43 7.50 9.00
N SER A 429 1.06 7.97 7.83
CA SER A 429 1.28 7.23 6.60
C SER A 429 1.32 8.16 5.40
N ILE A 430 2.48 8.20 4.75
CA ILE A 430 2.64 8.99 3.52
C ILE A 430 2.64 8.11 2.27
N ASP A 431 3.42 7.03 2.32
CA ASP A 431 3.52 6.09 1.21
C ASP A 431 3.25 4.68 1.71
N SER A 432 4.20 3.78 1.52
CA SER A 432 4.08 2.44 2.10
C SER A 432 4.30 2.36 3.60
N ASP A 433 4.98 3.34 4.14
CA ASP A 433 5.17 3.46 5.59
C ASP A 433 3.83 3.44 6.30
N LYS A 434 3.78 2.74 7.42
CA LYS A 434 2.60 2.75 8.26
C LYS A 434 3.08 2.84 9.70
N THR A 435 3.17 4.06 10.21
CA THR A 435 3.71 4.27 11.55
C THR A 435 2.61 4.25 12.61
N ASN A 436 2.67 3.32 13.54
CA ASN A 436 1.60 3.24 14.52
C ASN A 436 1.86 4.08 15.77
N GLU A 437 0.84 4.22 16.61
CA GLU A 437 0.92 5.05 17.79
C GLU A 437 2.10 4.65 18.67
N GLU A 438 2.35 3.35 18.76
CA GLU A 438 3.44 2.84 19.58
C GLU A 438 4.79 3.29 19.02
N ASP A 439 4.93 3.22 17.69
CA ASP A 439 6.14 3.66 17.00
C ASP A 439 6.42 5.11 17.32
N LEU A 440 5.37 5.93 17.19
CA LEU A 440 5.49 7.35 17.44
C LEU A 440 5.93 7.58 18.87
N PHE A 441 5.25 6.94 19.81
CA PHE A 441 5.63 7.07 21.22
C PHE A 441 7.11 6.75 21.44
N LYS A 442 7.58 5.67 20.84
CA LYS A 442 9.00 5.31 20.93
C LYS A 442 9.90 6.41 20.37
N ALA A 443 9.56 6.91 19.20
CA ALA A 443 10.36 7.96 18.55
C ALA A 443 10.42 9.21 19.44
N VAL A 444 9.26 9.65 19.88
CA VAL A 444 9.18 10.79 20.80
C VAL A 444 9.98 10.52 22.06
N SER A 445 9.99 9.29 22.52
CA SER A 445 10.78 8.97 23.70
C SER A 445 12.27 9.27 23.51
N GLN A 446 12.80 8.96 22.33
CA GLN A 446 14.21 9.23 22.04
C GLN A 446 14.49 10.74 22.04
N ALA A 447 13.60 11.50 21.41
CA ALA A 447 13.72 12.95 21.40
C ALA A 447 13.75 13.46 22.84
N LYS A 448 12.86 12.92 23.67
CA LYS A 448 12.81 13.27 25.08
C LYS A 448 14.19 13.18 25.73
N LEU A 449 14.91 12.09 25.47
CA LEU A 449 16.26 11.93 26.01
C LEU A 449 17.19 13.03 25.52
N VAL A 450 17.10 13.37 24.25
CA VAL A 450 17.88 14.47 23.69
C VAL A 450 17.53 15.77 24.43
N LEU A 451 16.24 16.05 24.57
CA LEU A 451 15.82 17.25 25.29
C LEU A 451 16.38 17.30 26.72
N GLU A 452 16.26 16.19 27.45
CA GLU A 452 16.76 16.11 28.82
C GLU A 452 18.26 16.37 28.89
N SER A 453 18.96 15.99 27.82
CA SER A 453 20.42 16.07 27.79
C SER A 453 20.87 17.49 27.48
N SER A 454 19.91 18.36 27.20
CA SER A 454 20.19 19.74 26.83
C SER A 454 19.42 20.74 27.70
N GLY A 455 19.01 20.29 28.88
CA GLY A 455 18.36 21.16 29.84
C GLY A 455 16.89 21.44 29.58
N LEU A 456 16.23 20.56 28.84
CA LEU A 456 14.81 20.73 28.53
C LEU A 456 14.02 19.48 28.86
N ASP A 457 12.70 19.62 28.95
CA ASP A 457 11.83 18.46 29.00
C ASP A 457 10.59 18.67 28.13
N LEU A 458 9.90 17.58 27.83
CA LEU A 458 8.78 17.62 26.91
C LEU A 458 7.46 17.61 27.68
N LYS A 459 6.57 18.54 27.34
CA LYS A 459 5.29 18.61 28.02
C LYS A 459 4.26 17.73 27.33
N ASP A 460 4.19 17.83 26.01
CA ASP A 460 3.19 17.09 25.26
C ASP A 460 3.52 17.11 23.78
N PHE A 461 2.81 16.28 22.99
CA PHE A 461 3.09 16.16 21.57
C PHE A 461 1.92 15.61 20.77
N THR A 462 1.94 15.92 19.48
CA THR A 462 1.06 15.29 18.51
C THR A 462 1.74 15.31 17.13
N SER A 463 1.06 14.80 16.11
CA SER A 463 1.68 14.65 14.80
C SER A 463 0.71 14.83 13.66
N TYR A 464 1.23 14.79 12.44
CA TYR A 464 0.41 14.98 11.25
C TYR A 464 1.20 14.58 10.02
N ALA A 465 0.56 13.88 9.11
CA ALA A 465 1.19 13.56 7.83
C ALA A 465 0.91 14.68 6.83
N ASP A 466 1.97 15.44 6.52
CA ASP A 466 1.87 16.58 5.63
C ASP A 466 2.10 16.15 4.17
N THR A 467 1.10 16.35 3.32
CA THR A 467 1.25 16.06 1.91
C THR A 467 1.01 17.29 1.05
N SER A 468 1.17 18.46 1.65
CA SER A 468 0.88 19.71 0.95
C SER A 468 2.00 20.02 -0.03
N THR A 469 3.12 19.32 0.13
CA THR A 469 4.25 19.48 -0.78
C THR A 469 4.90 18.12 -1.02
N PHE A 470 5.69 18.03 -2.08
CA PHE A 470 6.32 16.76 -2.44
C PHE A 470 7.82 16.77 -2.25
N PRO A 471 8.34 15.70 -1.62
CA PRO A 471 7.49 14.61 -1.14
C PRO A 471 6.81 14.94 0.19
N GLY A 472 5.80 14.17 0.58
CA GLY A 472 5.20 14.37 1.89
C GLY A 472 6.17 14.07 3.04
N HIS A 473 5.88 14.57 4.23
CA HIS A 473 6.76 14.27 5.37
C HIS A 473 5.99 14.26 6.68
N TYR A 474 6.57 13.67 7.71
CA TYR A 474 5.95 13.66 9.05
C TYR A 474 6.19 14.98 9.78
N VAL A 475 5.14 15.50 10.39
CA VAL A 475 5.25 16.70 11.20
C VAL A 475 4.94 16.34 12.65
N VAL A 476 5.85 16.67 13.55
CA VAL A 476 5.66 16.38 14.96
C VAL A 476 5.62 17.68 15.77
N TYR A 477 4.53 17.92 16.49
CA TYR A 477 4.45 19.11 17.33
C TYR A 477 4.92 18.78 18.74
N LEU A 478 5.91 19.53 19.23
CA LEU A 478 6.43 19.34 20.57
C LEU A 478 6.26 20.59 21.40
N GLU A 479 5.65 20.46 22.57
CA GLU A 479 5.67 21.56 23.53
C GLU A 479 6.78 21.29 24.54
N VAL A 480 7.84 22.10 24.49
CA VAL A 480 8.99 21.91 25.38
C VAL A 480 8.93 22.87 26.56
N ASP A 481 9.78 22.63 27.55
CA ASP A 481 9.87 23.52 28.68
C ASP A 481 11.28 23.50 29.26
N THR A 482 11.66 24.61 29.88
CA THR A 482 12.98 24.75 30.48
C THR A 482 13.12 23.88 31.72
N GLN A 492 18.76 30.82 25.77
CA GLN A 492 17.64 31.57 26.32
C GLN A 492 17.03 32.50 25.29
N PHE A 493 17.88 33.24 24.57
CA PHE A 493 17.41 34.12 23.52
C PHE A 493 16.84 33.32 22.34
N GLU A 494 17.41 32.14 22.12
CA GLU A 494 17.00 31.28 21.01
C GLU A 494 16.98 29.83 21.45
N LEU A 495 16.25 29.01 20.69
CA LEU A 495 16.27 27.57 20.90
C LEU A 495 17.58 26.98 20.38
N ASP A 496 18.07 25.95 21.06
CA ASP A 496 19.26 25.24 20.60
C ASP A 496 18.91 24.43 19.36
N GLU A 497 19.19 25.00 18.20
CA GLU A 497 18.86 24.35 16.93
C GLU A 497 19.58 23.00 16.75
N GLU A 498 20.79 22.89 17.28
CA GLU A 498 21.52 21.63 17.12
C GLU A 498 20.77 20.51 17.85
N ALA A 499 20.32 20.81 19.06
CA ALA A 499 19.58 19.85 19.87
C ALA A 499 18.23 19.47 19.26
N LEU A 500 17.51 20.45 18.72
CA LEU A 500 16.19 20.20 18.14
C LEU A 500 16.28 19.52 16.79
N SER A 501 17.37 19.80 16.07
CA SER A 501 17.68 19.07 14.85
C SER A 501 17.98 17.63 15.20
N THR A 502 18.72 17.44 16.30
CA THR A 502 19.08 16.09 16.75
C THR A 502 17.82 15.32 17.16
N CYS A 503 16.87 16.01 17.78
CA CYS A 503 15.55 15.44 18.06
C CYS A 503 14.92 14.84 16.79
N CYS A 504 14.86 15.62 15.72
CA CYS A 504 14.33 15.12 14.44
C CYS A 504 15.03 13.82 14.03
N LEU A 505 16.35 13.84 14.06
CA LEU A 505 17.16 12.71 13.61
C LEU A 505 16.84 11.43 14.39
N VAL A 506 16.79 11.55 15.72
CA VAL A 506 16.58 10.36 16.55
C VAL A 506 15.19 9.79 16.34
N MET A 507 14.20 10.67 16.14
CA MET A 507 12.85 10.21 15.82
C MET A 507 12.86 9.37 14.55
N GLU A 508 13.46 9.88 13.48
CA GLU A 508 13.54 9.15 12.23
C GLU A 508 14.27 7.82 12.41
N GLU A 509 15.37 7.85 13.18
CA GLU A 509 16.18 6.65 13.37
C GLU A 509 15.42 5.57 14.12
N SER A 510 14.43 5.96 14.92
CA SER A 510 13.66 4.97 15.67
C SER A 510 12.57 4.32 14.82
N LEU A 511 12.24 4.96 13.70
CA LEU A 511 11.19 4.47 12.80
C LEU A 511 11.62 3.17 12.11
N ASP A 512 10.73 2.57 11.34
CA ASP A 512 11.02 1.24 10.78
C ASP A 512 11.69 1.23 9.39
N ASN A 513 12.09 0.05 8.96
CA ASN A 513 12.80 -0.12 7.69
C ASN A 513 12.02 0.37 6.48
N VAL A 514 10.69 0.31 6.57
CA VAL A 514 9.84 0.72 5.44
C VAL A 514 9.87 2.24 5.28
N TYR A 515 9.76 2.94 6.40
CA TYR A 515 9.92 4.40 6.39
C TYR A 515 11.31 4.76 5.84
N LYS A 516 12.33 4.04 6.28
CA LYS A 516 13.70 4.39 5.89
C LYS A 516 13.93 4.21 4.40
N ARG A 517 13.37 3.13 3.85
CA ARG A 517 13.49 2.88 2.43
C ARG A 517 12.83 4.00 1.64
N CYS A 518 11.58 4.33 1.97
CA CYS A 518 10.86 5.42 1.31
C CYS A 518 11.63 6.73 1.42
N ARG A 519 12.14 7.00 2.61
CA ARG A 519 12.82 8.25 2.88
C ARG A 519 14.18 8.31 2.16
N PHE A 520 15.08 7.37 2.50
CA PHE A 520 16.47 7.48 2.07
C PHE A 520 16.78 6.77 0.74
N LYS A 521 15.84 6.00 0.22
CA LYS A 521 16.08 5.30 -1.04
C LYS A 521 15.09 5.68 -2.15
N ASP A 522 13.80 5.70 -1.82
CA ASP A 522 12.79 6.09 -2.79
C ASP A 522 12.66 7.61 -2.92
N GLY A 523 12.87 8.31 -1.81
CA GLY A 523 12.60 9.74 -1.77
C GLY A 523 11.10 10.02 -1.82
N SER A 524 10.30 9.05 -1.37
CA SER A 524 8.84 9.23 -1.33
C SER A 524 8.40 9.91 -0.03
N ILE A 525 9.32 10.02 0.91
CA ILE A 525 9.08 10.73 2.16
C ILE A 525 10.23 11.71 2.36
N GLY A 526 9.90 12.91 2.84
CA GLY A 526 10.92 13.94 3.07
C GLY A 526 11.35 14.02 4.53
N PRO A 527 12.38 14.82 4.81
CA PRO A 527 12.90 14.92 6.18
C PRO A 527 11.78 15.14 7.19
N LEU A 528 11.79 14.36 8.26
CA LEU A 528 10.90 14.58 9.38
C LEU A 528 11.08 16.01 9.91
N GLU A 529 9.96 16.68 10.19
CA GLU A 529 9.96 18.05 10.69
C GLU A 529 9.37 18.13 12.10
N ILE A 530 10.08 18.82 12.99
CA ILE A 530 9.52 19.13 14.30
C ILE A 530 9.06 20.58 14.36
N ARG A 531 7.82 20.78 14.77
CA ARG A 531 7.33 22.12 15.02
C ARG A 531 7.18 22.32 16.53
N VAL A 532 8.06 23.15 17.10
CA VAL A 532 7.99 23.48 18.51
C VAL A 532 6.87 24.50 18.69
N VAL A 533 6.00 24.27 19.68
CA VAL A 533 4.83 25.13 19.88
C VAL A 533 4.89 25.91 21.20
N ARG A 534 4.16 27.01 21.27
CA ARG A 534 4.27 27.90 22.41
C ARG A 534 3.72 27.27 23.69
N GLN A 535 4.06 27.84 24.84
CA GLN A 535 3.56 27.35 26.12
C GLN A 535 2.04 27.45 26.16
N GLY A 536 1.39 26.35 26.56
CA GLY A 536 -0.06 26.30 26.65
C GLY A 536 -0.74 25.75 25.41
N THR A 537 0.03 25.50 24.36
CA THR A 537 -0.54 25.01 23.10
C THR A 537 -1.49 23.83 23.29
N PHE A 538 -1.04 22.83 24.05
CA PHE A 538 -1.81 21.58 24.22
C PHE A 538 -2.97 21.72 25.21
N ASP A 539 -2.88 22.69 26.11
CA ASP A 539 -4.04 23.06 26.90
C ASP A 539 -5.11 23.68 26.02
N SER A 540 -4.68 24.55 25.10
CA SER A 540 -5.59 25.16 24.13
C SER A 540 -6.18 24.11 23.21
N LEU A 541 -5.36 23.14 22.82
CA LEU A 541 -5.85 22.07 21.96
C LEU A 541 -6.99 21.35 22.66
N MET A 542 -6.80 21.05 23.94
CA MET A 542 -7.83 20.40 24.74
C MET A 542 -9.06 21.28 24.82
N ASP A 543 -8.87 22.59 24.98
CA ASP A 543 -10.02 23.50 24.96
C ASP A 543 -10.76 23.42 23.64
N PHE A 544 -10.02 23.36 22.53
CA PHE A 544 -10.65 23.29 21.21
C PHE A 544 -11.52 22.05 21.06
N PHE A 545 -10.98 20.89 21.44
CA PHE A 545 -11.71 19.64 21.24
C PHE A 545 -12.98 19.54 22.08
N ILE A 546 -12.89 19.95 23.34
CA ILE A 546 -14.04 19.84 24.22
C ILE A 546 -15.08 20.91 23.88
N SER A 547 -14.66 21.93 23.16
CA SER A 547 -15.60 22.92 22.63
C SER A 547 -16.37 22.30 21.48
N GLN A 548 -15.78 21.28 20.87
CA GLN A 548 -16.43 20.52 19.82
C GLN A 548 -17.31 19.41 20.41
N GLY A 549 -17.22 19.25 21.73
CA GLY A 549 -17.85 18.15 22.42
C GLY A 549 -16.83 17.09 22.77
N ALA A 550 -16.72 16.76 24.06
CA ALA A 550 -15.74 15.78 24.53
C ALA A 550 -15.75 15.63 26.04
N TYR A 555 -10.46 12.73 28.39
CA TYR A 555 -9.72 13.36 27.30
C TYR A 555 -8.24 13.01 27.30
N LYS A 556 -7.74 12.63 26.14
CA LYS A 556 -6.32 12.43 25.93
C LYS A 556 -5.93 13.17 24.66
N THR A 557 -4.75 13.78 24.67
CA THR A 557 -4.23 14.42 23.47
C THR A 557 -4.17 13.41 22.32
N PRO A 558 -4.86 13.70 21.20
CA PRO A 558 -4.82 12.76 20.08
C PRO A 558 -3.40 12.68 19.58
N ARG A 559 -2.96 11.51 19.15
CA ARG A 559 -1.56 11.32 18.78
C ARG A 559 -1.32 11.66 17.31
N CYS A 560 -2.40 11.78 16.55
CA CYS A 560 -2.32 12.40 15.23
C CYS A 560 -3.56 13.27 15.06
N ILE A 561 -3.45 14.27 14.19
CA ILE A 561 -4.53 15.21 13.97
C ILE A 561 -4.99 15.10 12.53
N LYS A 562 -6.27 14.88 12.32
CA LYS A 562 -6.80 14.83 10.97
C LYS A 562 -7.91 15.84 10.75
N SER A 563 -8.20 16.61 11.81
CA SER A 563 -9.14 17.73 11.72
C SER A 563 -8.44 19.02 11.30
N GLY A 564 -8.90 19.60 10.20
CA GLY A 564 -8.32 20.83 9.68
C GLY A 564 -8.36 22.00 10.64
N LYS A 565 -9.42 22.10 11.43
CA LYS A 565 -9.54 23.18 12.41
C LYS A 565 -8.53 23.03 13.54
N ALA A 566 -8.45 21.82 14.11
CA ALA A 566 -7.48 21.54 15.15
C ALA A 566 -6.08 21.86 14.61
N LEU A 567 -5.84 21.47 13.37
CA LEU A 567 -4.57 21.75 12.70
C LEU A 567 -4.32 23.26 12.65
N GLN A 568 -5.36 24.04 12.38
CA GLN A 568 -5.24 25.48 12.39
C GLN A 568 -4.86 25.97 13.78
N VAL A 569 -5.47 25.40 14.80
CA VAL A 569 -5.12 25.77 16.17
C VAL A 569 -3.63 25.54 16.40
N LEU A 570 -3.16 24.34 16.10
CA LEU A 570 -1.75 24.04 16.31
C LEU A 570 -0.85 25.02 15.57
N GLU A 571 -1.17 25.29 14.31
CA GLU A 571 -0.31 26.13 13.48
C GLU A 571 -0.09 27.53 14.07
N THR A 572 -1.15 28.12 14.63
CA THR A 572 -1.04 29.43 15.27
C THR A 572 -0.14 29.38 16.49
N CYS A 573 0.13 28.18 16.99
CA CYS A 573 0.96 28.01 18.19
C CYS A 573 2.44 27.77 17.90
N VAL A 574 2.78 27.48 16.65
CA VAL A 574 4.15 27.15 16.28
C VAL A 574 5.11 28.33 16.43
N VAL A 575 6.22 28.09 17.11
CA VAL A 575 7.21 29.14 17.32
C VAL A 575 8.56 28.85 16.65
N ALA A 576 8.82 27.58 16.32
CA ALA A 576 10.06 27.23 15.66
C ALA A 576 9.91 25.92 14.89
N LYS A 577 10.66 25.81 13.80
CA LYS A 577 10.60 24.63 12.93
C LYS A 577 12.00 24.06 12.71
N PHE A 578 12.12 22.75 12.85
CA PHE A 578 13.38 22.05 12.59
C PHE A 578 13.13 20.82 11.74
N PHE A 579 14.20 20.35 11.10
CA PHE A 579 14.15 19.25 10.17
C PHE A 579 15.28 18.30 10.41
N SER A 580 15.03 17.01 10.18
CA SER A 580 16.07 15.97 10.27
C SER A 580 17.06 16.11 9.11
N ILE A 581 18.16 15.37 9.19
CA ILE A 581 19.07 15.20 8.05
C ILE A 581 20.55 15.06 8.42
#